data_1ZL1
#
_entry.id   1ZL1
#
_cell.length_a   62.790
_cell.length_b   66.309
_cell.length_c   107.382
_cell.angle_alpha   90.00
_cell.angle_beta   90.00
_cell.angle_gamma   90.00
#
_symmetry.space_group_name_H-M   'P 21 21 21'
#
loop_
_entity.id
_entity.type
_entity.pdbx_description
1 polymer 'Chitinase-3 like protein 1'
2 polymer 'TRP-HIS-TRP peptide'
3 branched alpha-D-mannopyranose-(1-4)-2-acetamido-2-deoxy-alpha-D-glucopyranose-(1-4)-2-acetamido-2-deoxy-beta-D-glucopyranose
4 water water
#
loop_
_entity_poly.entity_id
_entity_poly.type
_entity_poly.pdbx_seq_one_letter_code
_entity_poly.pdbx_strand_id
1 'polypeptide(L)'
;YKLICYYTSWSQYREGDGSCFPDAIDPFLCTHVIYSFANISNNEIDTWEWNDVTLYDTLNTLKNRNPKLKTLLSVGGWNF
GPERFSAIASKTQSRRTFIKSVPPFLRTHGFDGLDLAWLYPGRRDKRHLTTLVKEMKAEFIREAQAGTEQLLLSAAVSAG
KIAIDRGYDIAQISRHLDFISLLTYDFHGAWRQTVGHHSPLFAGNEDASSRFSNADYAVSYMLRLGAPANKLVMGIPTFG
RSFTLASSKTDVGAPVSGPGVPGRFTKEKGILAYYEICDFLHGATTHRFRDQQVPYATKGNQWVAYDDQESVKNKARYLK
NRQLAGAMVWALDLDDFRGTFCGQNLTFPLTSAVKDVLAEV
;
A
2 'polypeptide(L)' WHW C
#
# COMPACT_ATOMS: atom_id res chain seq x y z
N TYR A 1 17.48 6.28 -1.32
CA TYR A 1 16.00 6.29 -1.33
C TYR A 1 15.46 4.88 -1.25
N LYS A 2 14.42 4.71 -0.40
CA LYS A 2 13.73 3.43 -0.23
C LYS A 2 12.58 3.19 -1.22
N LEU A 3 12.33 1.94 -1.54
CA LEU A 3 11.26 1.56 -2.43
C LEU A 3 10.63 0.33 -1.79
N ILE A 4 9.59 0.51 -0.99
CA ILE A 4 8.91 -0.57 -0.31
C ILE A 4 7.89 -1.15 -1.27
N CYS A 5 7.85 -2.44 -1.47
CA CYS A 5 6.89 -3.04 -2.39
C CYS A 5 6.09 -4.14 -1.73
N TYR A 6 4.80 -4.05 -1.73
CA TYR A 6 3.97 -5.08 -1.14
C TYR A 6 3.69 -6.11 -2.21
N TYR A 7 3.48 -7.33 -1.76
CA TYR A 7 3.11 -8.44 -2.62
C TYR A 7 1.96 -9.10 -1.90
N THR A 8 0.89 -9.42 -2.59
CA THR A 8 -0.24 -10.00 -1.91
C THR A 8 -0.37 -11.48 -2.11
N SER A 9 -0.56 -12.17 -0.98
CA SER A 9 -0.71 -13.63 -0.94
C SER A 9 -1.76 -14.18 -1.90
N TRP A 10 -2.96 -13.65 -1.79
CA TRP A 10 -4.06 -14.13 -2.62
C TRP A 10 -3.94 -13.90 -4.10
N SER A 11 -2.90 -13.22 -4.56
CA SER A 11 -2.73 -13.00 -6.01
C SER A 11 -2.31 -14.29 -6.71
N GLN A 12 -1.93 -15.30 -5.92
CA GLN A 12 -1.52 -16.58 -6.48
C GLN A 12 -2.65 -17.32 -7.13
N TYR A 13 -3.86 -17.08 -6.68
CA TYR A 13 -5.04 -17.75 -7.20
C TYR A 13 -5.74 -17.11 -8.41
N ARG A 14 -5.28 -15.99 -8.90
CA ARG A 14 -5.92 -15.37 -10.06
C ARG A 14 -5.67 -16.28 -11.20
N GLU A 15 -6.60 -16.38 -12.14
CA GLU A 15 -6.36 -17.32 -13.25
C GLU A 15 -5.47 -16.85 -14.43
N GLY A 16 -4.86 -17.84 -15.02
CA GLY A 16 -3.97 -17.57 -16.13
C GLY A 16 -2.77 -16.71 -15.74
N ASP A 17 -2.51 -15.78 -16.64
CA ASP A 17 -1.40 -14.87 -16.49
C ASP A 17 -1.61 -14.03 -15.26
N GLY A 18 -2.86 -13.89 -14.89
CA GLY A 18 -3.13 -13.10 -13.72
C GLY A 18 -2.39 -13.67 -12.54
N SER A 19 -2.22 -14.99 -12.52
CA SER A 19 -1.54 -15.65 -11.40
C SER A 19 -0.12 -15.15 -11.13
N CYS A 20 0.17 -14.77 -9.88
CA CYS A 20 1.48 -14.25 -9.51
C CYS A 20 2.05 -14.82 -8.25
N PHE A 21 3.27 -15.36 -8.34
CA PHE A 21 4.00 -15.98 -7.22
C PHE A 21 5.30 -15.25 -6.94
N PRO A 22 5.79 -15.32 -5.71
CA PRO A 22 7.02 -14.61 -5.31
C PRO A 22 8.13 -14.66 -6.32
N ASP A 23 8.34 -15.79 -6.96
CA ASP A 23 9.42 -15.89 -7.95
C ASP A 23 9.28 -15.08 -9.23
N ALA A 24 8.19 -14.36 -9.35
CA ALA A 24 7.97 -13.54 -10.50
C ALA A 24 8.51 -12.15 -10.18
N ILE A 25 9.03 -11.99 -8.96
CA ILE A 25 9.56 -10.70 -8.51
C ILE A 25 11.00 -10.44 -8.85
N ASP A 26 11.24 -9.31 -9.47
CA ASP A 26 12.57 -8.89 -9.82
C ASP A 26 13.26 -8.59 -8.52
N PRO A 27 14.26 -9.35 -8.19
CA PRO A 27 15.01 -9.20 -6.94
C PRO A 27 15.73 -7.88 -6.73
N PHE A 28 16.02 -7.17 -7.81
CA PHE A 28 16.71 -5.89 -7.70
C PHE A 28 15.79 -4.68 -7.88
N LEU A 29 14.53 -4.96 -8.21
CA LEU A 29 13.56 -3.91 -8.41
C LEU A 29 13.44 -3.03 -7.14
N CYS A 30 12.89 -3.58 -6.07
CA CYS A 30 12.67 -2.85 -4.84
C CYS A 30 13.73 -3.09 -3.79
N THR A 31 13.77 -2.23 -2.78
CA THR A 31 14.72 -2.31 -1.71
C THR A 31 14.09 -3.10 -0.57
N HIS A 32 12.78 -2.99 -0.42
CA HIS A 32 12.03 -3.68 0.64
C HIS A 32 10.80 -4.34 0.02
N VAL A 33 10.55 -5.62 0.27
CA VAL A 33 9.40 -6.31 -0.27
C VAL A 33 8.61 -6.79 0.91
N ILE A 34 7.31 -6.48 0.94
CA ILE A 34 6.40 -6.82 2.01
C ILE A 34 5.36 -7.86 1.61
N TYR A 35 5.42 -8.99 2.30
CA TYR A 35 4.50 -10.09 2.07
C TYR A 35 3.20 -9.73 2.74
N SER A 36 2.15 -9.67 1.94
CA SER A 36 0.89 -9.21 2.45
C SER A 36 -0.01 -10.12 3.19
N PHE A 37 -0.18 -9.67 4.43
CA PHE A 37 -1.08 -10.20 5.48
C PHE A 37 -0.97 -11.51 6.08
N ALA A 38 -0.41 -11.43 7.27
CA ALA A 38 -0.27 -12.52 8.18
C ALA A 38 -1.50 -12.42 9.12
N ASN A 39 -1.83 -13.49 9.81
CA ASN A 39 -3.00 -13.55 10.65
C ASN A 39 -2.63 -13.57 12.09
N ILE A 40 -3.61 -13.46 12.97
CA ILE A 40 -3.36 -13.56 14.42
C ILE A 40 -4.31 -14.61 15.03
N SER A 41 -3.72 -15.57 15.73
CA SER A 41 -4.48 -16.64 16.36
C SER A 41 -4.08 -16.81 17.79
N ASN A 42 -5.06 -16.90 18.67
CA ASN A 42 -4.73 -17.07 20.08
C ASN A 42 -3.73 -15.99 20.49
N ASN A 43 -3.88 -14.80 19.93
CA ASN A 43 -3.01 -13.66 20.23
C ASN A 43 -1.56 -13.81 19.80
N GLU A 44 -1.31 -14.72 18.89
CA GLU A 44 0.05 -14.94 18.37
C GLU A 44 0.03 -14.69 16.88
N ILE A 45 1.14 -14.22 16.33
CA ILE A 45 1.17 -14.02 14.89
C ILE A 45 1.15 -15.41 14.26
N ASP A 46 0.59 -15.55 13.08
CA ASP A 46 0.50 -16.85 12.46
C ASP A 46 0.31 -16.74 10.99
N THR A 47 0.32 -17.86 10.28
CA THR A 47 0.13 -17.88 8.83
C THR A 47 -1.29 -17.62 8.49
N TRP A 48 -1.57 -17.43 7.19
CA TRP A 48 -2.91 -17.14 6.73
C TRP A 48 -3.28 -18.18 5.64
N GLU A 49 -2.64 -18.04 4.48
CA GLU A 49 -2.90 -18.95 3.37
C GLU A 49 -2.36 -20.31 3.76
N TRP A 50 -2.93 -21.32 3.12
CA TRP A 50 -2.52 -22.71 3.36
C TRP A 50 -1.04 -22.95 2.99
N ASN A 51 -0.50 -22.26 2.01
CA ASN A 51 0.87 -22.48 1.58
C ASN A 51 1.86 -21.38 1.94
N ASP A 52 1.51 -20.53 2.88
CA ASP A 52 2.40 -19.43 3.30
C ASP A 52 3.89 -19.82 3.58
N VAL A 53 4.09 -20.75 4.47
CA VAL A 53 5.45 -21.15 4.78
C VAL A 53 6.22 -21.48 3.49
N THR A 54 5.52 -21.83 2.41
CA THR A 54 6.17 -22.14 1.14
C THR A 54 6.47 -20.87 0.35
N LEU A 55 5.52 -19.97 0.31
CA LEU A 55 5.73 -18.73 -0.38
C LEU A 55 6.80 -17.92 0.38
N TYR A 56 6.75 -17.94 1.71
CA TYR A 56 7.73 -17.25 2.55
C TYR A 56 9.13 -17.64 2.04
N ASP A 57 9.32 -18.93 1.94
CA ASP A 57 10.57 -19.53 1.49
C ASP A 57 10.91 -18.98 0.12
N THR A 58 9.92 -19.00 -0.78
CA THR A 58 10.11 -18.53 -2.17
C THR A 58 10.61 -17.10 -2.20
N LEU A 59 9.82 -16.23 -1.57
CA LEU A 59 10.10 -14.80 -1.49
C LEU A 59 11.50 -14.55 -0.89
N ASN A 60 11.78 -15.17 0.26
CA ASN A 60 13.06 -14.94 0.92
C ASN A 60 14.28 -15.55 0.22
N THR A 61 14.08 -16.31 -0.85
CA THR A 61 15.21 -16.89 -1.59
C THR A 61 15.79 -15.82 -2.49
N LEU A 62 14.95 -14.85 -2.83
CA LEU A 62 15.34 -13.77 -3.70
C LEU A 62 16.54 -13.15 -3.05
N LYS A 63 16.60 -13.25 -1.75
CA LYS A 63 17.71 -12.67 -1.03
C LYS A 63 19.05 -13.34 -1.37
N ASN A 64 18.95 -14.45 -2.10
CA ASN A 64 20.17 -15.10 -2.45
C ASN A 64 20.74 -14.48 -3.68
N ARG A 65 19.92 -13.85 -4.49
CA ARG A 65 20.40 -13.22 -5.69
C ARG A 65 20.77 -11.79 -5.36
N ASN A 66 20.04 -11.18 -4.42
CA ASN A 66 20.30 -9.81 -3.98
C ASN A 66 20.39 -9.70 -2.46
N PRO A 67 21.59 -9.75 -1.90
CA PRO A 67 21.94 -9.71 -0.47
C PRO A 67 21.52 -8.50 0.32
N LYS A 68 21.27 -7.43 -0.41
CA LYS A 68 20.83 -6.19 0.19
C LYS A 68 19.33 -6.14 0.34
N LEU A 69 18.60 -6.94 -0.42
CA LEU A 69 17.15 -6.96 -0.35
C LEU A 69 16.68 -7.33 1.04
N LYS A 70 15.75 -6.55 1.57
CA LYS A 70 15.15 -6.75 2.88
C LYS A 70 13.70 -7.14 2.69
N THR A 71 13.17 -7.97 3.58
CA THR A 71 11.77 -8.44 3.52
C THR A 71 11.06 -8.24 4.85
N LEU A 72 9.75 -8.02 4.78
CA LEU A 72 8.94 -7.86 5.99
C LEU A 72 7.61 -8.58 5.85
N LEU A 73 6.95 -8.76 6.98
CA LEU A 73 5.68 -9.46 6.99
C LEU A 73 4.74 -8.46 7.54
N SER A 74 3.62 -8.25 6.86
CA SER A 74 2.66 -7.27 7.31
C SER A 74 1.55 -7.96 8.07
N VAL A 75 1.10 -7.38 9.19
CA VAL A 75 -0.01 -7.99 9.98
C VAL A 75 -1.29 -7.16 9.83
N GLY A 76 -2.42 -7.84 9.82
CA GLY A 76 -3.66 -7.11 9.67
C GLY A 76 -4.19 -7.16 8.24
N GLY A 77 -4.39 -5.99 7.65
CA GLY A 77 -4.93 -5.95 6.31
C GLY A 77 -6.44 -5.72 6.35
N TRP A 78 -7.08 -5.71 5.15
CA TRP A 78 -8.52 -5.44 5.00
C TRP A 78 -9.46 -6.54 5.41
N ASN A 79 -9.09 -7.79 5.23
CA ASN A 79 -9.98 -8.87 5.67
C ASN A 79 -9.75 -9.23 7.13
N PHE A 80 -8.92 -8.42 7.79
CA PHE A 80 -8.63 -8.57 9.20
C PHE A 80 -9.52 -7.54 9.90
N GLY A 81 -10.25 -7.96 10.91
CA GLY A 81 -11.15 -7.01 11.58
C GLY A 81 -10.48 -6.00 12.52
N PRO A 82 -10.62 -4.71 12.26
CA PRO A 82 -10.01 -3.69 13.13
C PRO A 82 -10.32 -3.98 14.59
N GLU A 83 -11.57 -4.35 14.85
CA GLU A 83 -12.01 -4.68 16.20
C GLU A 83 -11.01 -5.64 16.74
N ARG A 84 -10.73 -6.66 15.93
CA ARG A 84 -9.77 -7.70 16.33
C ARG A 84 -8.46 -7.02 16.84
N PHE A 85 -7.91 -6.14 16.01
CA PHE A 85 -6.69 -5.49 16.36
C PHE A 85 -6.86 -4.80 17.64
N SER A 86 -8.02 -4.18 17.76
CA SER A 86 -8.39 -3.41 18.95
C SER A 86 -8.32 -4.28 20.20
N ALA A 87 -9.09 -5.37 20.20
CA ALA A 87 -9.10 -6.28 21.35
C ALA A 87 -7.71 -6.74 21.88
N ILE A 88 -6.82 -7.02 20.95
CA ILE A 88 -5.47 -7.46 21.25
C ILE A 88 -4.59 -6.38 21.84
N ALA A 89 -4.69 -5.16 21.34
CA ALA A 89 -3.84 -4.11 21.86
C ALA A 89 -4.35 -3.45 23.10
N SER A 90 -5.63 -3.62 23.41
CA SER A 90 -6.27 -3.00 24.61
C SER A 90 -5.85 -3.59 25.94
N LYS A 91 -5.57 -4.89 25.95
CA LYS A 91 -5.16 -5.60 27.15
C LYS A 91 -3.65 -5.87 27.21
N THR A 92 -2.96 -5.25 28.17
CA THR A 92 -1.50 -5.47 28.29
C THR A 92 -1.17 -6.95 28.20
N GLN A 93 -2.04 -7.80 28.67
CA GLN A 93 -1.78 -9.19 28.65
C GLN A 93 -1.82 -9.75 27.25
N SER A 94 -2.84 -9.48 26.46
CA SER A 94 -2.87 -10.10 25.13
C SER A 94 -1.86 -9.44 24.22
N ARG A 95 -1.55 -8.18 24.51
CA ARG A 95 -0.58 -7.41 23.72
C ARG A 95 0.86 -7.99 23.86
N ARG A 96 1.28 -8.20 25.10
CA ARG A 96 2.58 -8.76 25.36
C ARG A 96 2.68 -10.13 24.71
N THR A 97 1.59 -10.88 24.77
CA THR A 97 1.56 -12.22 24.18
C THR A 97 1.95 -12.08 22.73
N PHE A 98 1.14 -11.32 21.99
CA PHE A 98 1.33 -11.13 20.59
C PHE A 98 2.72 -10.68 20.31
N ILE A 99 3.19 -9.70 21.05
CA ILE A 99 4.54 -9.21 20.82
C ILE A 99 5.63 -10.28 21.01
N LYS A 100 5.64 -10.95 22.13
CA LYS A 100 6.64 -11.97 22.34
C LYS A 100 6.71 -13.04 21.24
N SER A 101 5.57 -13.25 20.59
CA SER A 101 5.40 -14.28 19.55
C SER A 101 6.06 -13.92 18.30
N VAL A 102 6.06 -12.64 17.94
CA VAL A 102 6.67 -12.11 16.68
C VAL A 102 8.12 -12.50 16.33
N PRO A 103 9.13 -11.96 17.01
CA PRO A 103 10.52 -12.27 16.70
C PRO A 103 10.83 -13.73 16.25
N PRO A 104 10.49 -14.72 17.05
CA PRO A 104 10.74 -16.10 16.64
C PRO A 104 10.15 -16.45 15.27
N PHE A 105 8.89 -16.07 15.09
CA PHE A 105 8.16 -16.31 13.85
C PHE A 105 8.94 -15.80 12.65
N LEU A 106 9.37 -14.55 12.76
CA LEU A 106 10.12 -13.90 11.70
C LEU A 106 11.52 -14.53 11.56
N ARG A 107 12.16 -14.89 12.65
CA ARG A 107 13.49 -15.48 12.55
C ARG A 107 13.41 -16.81 11.81
N THR A 108 12.36 -17.55 12.12
CA THR A 108 12.13 -18.85 11.56
C THR A 108 11.91 -18.81 10.08
N HIS A 109 11.06 -17.93 9.60
CA HIS A 109 10.74 -17.90 8.18
C HIS A 109 11.60 -16.98 7.35
N GLY A 110 12.56 -16.37 8.00
CA GLY A 110 13.51 -15.51 7.31
C GLY A 110 13.17 -14.07 6.99
N PHE A 111 12.25 -13.46 7.73
CA PHE A 111 11.86 -12.07 7.48
C PHE A 111 12.70 -11.14 8.29
N ASP A 112 12.94 -9.95 7.74
CA ASP A 112 13.79 -8.97 8.37
C ASP A 112 13.02 -7.91 9.19
N GLY A 113 11.67 -8.04 9.30
CA GLY A 113 10.88 -7.07 10.05
C GLY A 113 9.40 -7.30 10.02
N LEU A 114 8.69 -6.43 10.74
CA LEU A 114 7.22 -6.52 10.82
C LEU A 114 6.53 -5.27 10.33
N ASP A 115 5.49 -5.44 9.56
CA ASP A 115 4.71 -4.30 9.04
C ASP A 115 3.28 -4.31 9.63
N LEU A 116 2.94 -3.26 10.37
CA LEU A 116 1.68 -3.24 10.99
C LEU A 116 0.64 -2.62 10.09
N ALA A 117 -0.32 -3.39 9.63
CA ALA A 117 -1.37 -2.87 8.77
C ALA A 117 -2.68 -2.97 9.50
N TRP A 118 -2.76 -2.31 10.66
CA TRP A 118 -3.97 -2.19 11.49
C TRP A 118 -4.79 -1.28 10.63
N LEU A 119 -5.80 -1.79 9.97
CA LEU A 119 -6.54 -0.89 9.11
C LEU A 119 -7.64 -0.03 9.74
N TYR A 120 -7.12 1.06 10.33
CA TYR A 120 -7.81 2.19 10.95
C TYR A 120 -8.15 2.09 12.40
N PRO A 121 -7.28 2.63 13.22
CA PRO A 121 -7.42 2.75 14.64
C PRO A 121 -8.50 3.71 14.88
N GLY A 122 -9.26 3.54 15.95
CA GLY A 122 -10.38 4.44 16.24
C GLY A 122 -9.95 5.49 17.25
N ARG A 123 -10.84 6.44 17.56
CA ARG A 123 -10.54 7.45 18.56
C ARG A 123 -10.14 6.74 19.83
N ARG A 124 -10.82 5.65 20.14
CA ARG A 124 -10.51 4.89 21.32
C ARG A 124 -9.21 4.04 21.26
N ASP A 125 -8.67 3.77 20.06
CA ASP A 125 -7.48 2.95 19.94
C ASP A 125 -6.19 3.71 19.92
N LYS A 126 -6.27 5.02 19.76
CA LYS A 126 -5.06 5.83 19.63
C LYS A 126 -4.05 5.59 20.70
N ARG A 127 -4.47 5.49 21.95
CA ARG A 127 -3.50 5.28 23.06
C ARG A 127 -2.87 3.91 23.10
N HIS A 128 -3.58 2.92 22.60
CA HIS A 128 -3.06 1.58 22.60
C HIS A 128 -2.13 1.37 21.43
N LEU A 129 -2.53 1.89 20.28
CA LEU A 129 -1.71 1.75 19.10
C LEU A 129 -0.31 2.24 19.45
N THR A 130 -0.22 3.31 20.23
CA THR A 130 1.05 3.86 20.61
C THR A 130 1.74 2.88 21.49
N THR A 131 0.99 2.25 22.31
CA THR A 131 1.61 1.28 23.22
C THR A 131 2.21 0.13 22.46
N LEU A 132 1.37 -0.45 21.61
CA LEU A 132 1.75 -1.57 20.74
C LEU A 132 3.05 -1.33 20.00
N VAL A 133 3.26 -0.11 19.54
CA VAL A 133 4.45 0.25 18.80
C VAL A 133 5.71 0.33 19.70
N LYS A 134 5.58 1.02 20.84
CA LYS A 134 6.66 1.20 21.80
C LYS A 134 7.22 -0.16 22.21
N GLU A 135 6.36 -0.91 22.87
CA GLU A 135 6.70 -2.24 23.36
C GLU A 135 7.25 -3.19 22.31
N MET A 136 6.66 -3.16 21.12
CA MET A 136 7.07 -4.00 20.03
C MET A 136 8.51 -3.65 19.71
N LYS A 137 8.79 -2.37 19.52
CA LYS A 137 10.14 -1.92 19.21
C LYS A 137 11.07 -2.26 20.37
N ALA A 138 10.62 -2.01 21.58
CA ALA A 138 11.39 -2.31 22.78
C ALA A 138 11.83 -3.76 22.78
N GLU A 139 10.94 -4.62 22.32
CA GLU A 139 11.22 -6.06 22.23
C GLU A 139 12.25 -6.35 21.14
N PHE A 140 12.11 -5.70 20.00
CA PHE A 140 13.03 -5.89 18.89
C PHE A 140 14.45 -5.48 19.30
N ILE A 141 14.57 -4.42 20.10
CA ILE A 141 15.85 -3.96 20.60
C ILE A 141 16.46 -5.00 21.52
N ARG A 142 15.61 -5.62 22.33
CA ARG A 142 16.07 -6.63 23.27
C ARG A 142 16.50 -7.89 22.54
N GLU A 143 15.77 -8.29 21.53
CA GLU A 143 16.10 -9.53 20.79
C GLU A 143 17.42 -9.39 20.02
N ALA A 144 17.84 -8.17 19.75
CA ALA A 144 19.08 -7.93 19.00
C ALA A 144 20.36 -8.21 19.80
N GLN A 145 20.18 -8.34 21.11
CA GLN A 145 21.27 -8.61 22.02
C GLN A 145 21.88 -9.97 21.73
N ALA A 146 21.17 -10.81 21.00
CA ALA A 146 21.64 -12.16 20.67
C ALA A 146 22.51 -12.24 19.41
N GLY A 147 23.11 -11.13 19.06
CA GLY A 147 24.00 -11.12 17.94
C GLY A 147 23.42 -11.10 16.54
N THR A 148 22.12 -10.98 16.37
CA THR A 148 21.62 -10.92 15.01
C THR A 148 21.14 -9.50 14.70
N GLU A 149 20.99 -9.21 13.42
CA GLU A 149 20.60 -7.89 12.91
C GLU A 149 19.22 -7.54 13.43
N GLN A 150 19.10 -6.39 14.06
CA GLN A 150 17.80 -5.90 14.64
C GLN A 150 16.66 -5.94 13.64
N LEU A 151 15.48 -6.33 14.10
CA LEU A 151 14.30 -6.42 13.26
C LEU A 151 13.70 -5.08 12.94
N LEU A 152 13.16 -4.94 11.76
CA LEU A 152 12.57 -3.68 11.37
C LEU A 152 11.10 -3.64 11.78
N LEU A 153 10.61 -2.42 12.03
CA LEU A 153 9.24 -2.18 12.42
C LEU A 153 8.67 -1.03 11.61
N SER A 154 7.58 -1.24 10.93
CA SER A 154 6.99 -0.21 10.13
C SER A 154 5.51 -0.26 10.29
N ALA A 155 4.85 0.70 9.65
CA ALA A 155 3.43 0.79 9.72
C ALA A 155 2.81 1.51 8.53
N ALA A 156 1.69 0.97 8.05
CA ALA A 156 0.96 1.58 6.95
C ALA A 156 0.00 2.48 7.64
N VAL A 157 -0.01 3.76 7.29
CA VAL A 157 -0.88 4.74 7.93
C VAL A 157 -1.78 5.44 6.92
N SER A 158 -3.02 5.64 7.31
CA SER A 158 -3.99 6.34 6.47
C SER A 158 -3.47 7.73 6.18
N ALA A 159 -3.88 8.30 5.05
CA ALA A 159 -3.45 9.62 4.67
C ALA A 159 -4.66 10.52 4.74
N GLY A 160 -5.70 10.03 5.40
CA GLY A 160 -6.95 10.79 5.56
C GLY A 160 -6.97 11.62 6.84
N LYS A 161 -6.90 12.94 6.66
CA LYS A 161 -6.87 13.96 7.74
C LYS A 161 -7.67 13.56 9.04
N ILE A 162 -8.94 13.28 8.85
CA ILE A 162 -9.79 12.91 9.95
C ILE A 162 -9.33 11.61 10.58
N ALA A 163 -9.05 10.63 9.74
CA ALA A 163 -8.60 9.35 10.24
C ALA A 163 -7.35 9.56 11.08
N ILE A 164 -6.42 10.33 10.54
CA ILE A 164 -5.15 10.60 11.22
C ILE A 164 -5.40 11.24 12.56
N ASP A 165 -6.17 12.30 12.53
CA ASP A 165 -6.44 12.99 13.75
C ASP A 165 -7.15 12.14 14.78
N ARG A 166 -8.05 11.28 14.31
CA ARG A 166 -8.86 10.45 15.19
C ARG A 166 -8.10 9.33 15.90
N GLY A 167 -7.25 8.63 15.17
CA GLY A 167 -6.53 7.51 15.78
C GLY A 167 -4.98 7.40 15.83
N TYR A 168 -4.24 8.40 15.40
CA TYR A 168 -2.80 8.27 15.45
C TYR A 168 -2.12 9.39 16.24
N ASP A 169 -1.16 9.00 17.06
CA ASP A 169 -0.33 9.94 17.82
C ASP A 169 0.96 9.95 17.02
N ILE A 170 0.86 10.45 15.79
CA ILE A 170 1.98 10.49 14.85
C ILE A 170 3.32 10.88 15.42
N ALA A 171 3.36 11.86 16.32
CA ALA A 171 4.61 12.32 16.94
C ALA A 171 5.28 11.21 17.79
N GLN A 172 4.47 10.39 18.43
CA GLN A 172 4.96 9.32 19.24
C GLN A 172 5.45 8.19 18.32
N ILE A 173 4.54 7.44 17.73
CA ILE A 173 4.94 6.28 16.92
C ILE A 173 6.06 6.55 15.94
N SER A 174 6.23 7.76 15.47
CA SER A 174 7.28 8.05 14.50
C SER A 174 8.65 7.83 15.06
N ARG A 175 8.83 8.01 16.36
CA ARG A 175 10.17 7.78 16.95
C ARG A 175 10.54 6.31 17.03
N HIS A 176 9.54 5.44 17.11
CA HIS A 176 9.77 4.01 17.20
C HIS A 176 9.74 3.21 15.89
N LEU A 177 9.13 3.74 14.84
CA LEU A 177 9.03 3.02 13.58
C LEU A 177 10.16 3.39 12.65
N ASP A 178 10.75 2.40 11.98
CA ASP A 178 11.84 2.58 11.03
C ASP A 178 11.39 3.39 9.81
N PHE A 179 10.13 3.24 9.48
CA PHE A 179 9.49 3.99 8.41
C PHE A 179 8.00 3.88 8.46
N ILE A 180 7.30 4.85 7.89
CA ILE A 180 5.83 4.89 7.85
C ILE A 180 5.33 4.96 6.44
N SER A 181 4.37 4.12 6.09
CA SER A 181 3.91 4.14 4.75
C SER A 181 2.63 4.85 4.70
N LEU A 182 2.56 5.90 3.86
CA LEU A 182 1.36 6.71 3.68
C LEU A 182 0.44 6.16 2.62
N LEU A 183 -0.77 5.76 3.01
CA LEU A 183 -1.74 5.22 2.08
C LEU A 183 -2.32 6.36 1.29
N THR A 184 -1.51 7.01 0.47
CA THR A 184 -1.98 8.15 -0.29
C THR A 184 -2.65 7.73 -1.60
N TYR A 185 -3.67 6.93 -1.51
CA TYR A 185 -4.37 6.50 -2.71
C TYR A 185 -5.80 6.12 -2.44
N ASP A 186 -6.31 6.51 -1.28
CA ASP A 186 -7.68 6.19 -0.89
C ASP A 186 -8.45 7.47 -0.62
N PHE A 187 -8.45 8.37 -1.59
CA PHE A 187 -9.11 9.66 -1.44
C PHE A 187 -10.54 9.74 -2.00
N HIS A 188 -10.90 8.81 -2.87
CA HIS A 188 -12.24 8.82 -3.41
C HIS A 188 -12.69 7.37 -3.56
N GLY A 189 -13.90 7.18 -4.05
CA GLY A 189 -14.45 5.84 -4.15
C GLY A 189 -15.20 5.79 -2.82
N ALA A 190 -14.73 4.95 -1.88
CA ALA A 190 -15.34 4.88 -0.57
C ALA A 190 -16.85 5.18 -0.66
N TRP A 191 -17.48 4.60 -1.69
CA TRP A 191 -18.92 4.74 -1.99
C TRP A 191 -19.63 6.11 -1.87
N ARG A 192 -19.25 7.05 -2.73
CA ARG A 192 -19.90 8.36 -2.79
C ARG A 192 -20.30 8.67 -4.26
N GLN A 193 -21.58 8.53 -4.56
CA GLN A 193 -22.20 8.69 -5.88
C GLN A 193 -21.74 9.78 -6.87
N THR A 194 -20.46 9.92 -7.05
CA THR A 194 -19.97 10.90 -8.01
C THR A 194 -18.56 10.45 -8.46
N VAL A 195 -18.26 10.54 -9.75
CA VAL A 195 -16.95 10.12 -10.28
C VAL A 195 -15.84 10.93 -9.65
N GLY A 196 -14.67 10.35 -9.47
CA GLY A 196 -13.58 11.08 -8.84
C GLY A 196 -12.30 10.30 -8.79
N HIS A 197 -11.17 10.98 -8.59
CA HIS A 197 -9.84 10.33 -8.58
C HIS A 197 -9.33 10.04 -7.20
N HIS A 198 -9.01 8.77 -6.95
CA HIS A 198 -8.56 8.26 -5.63
C HIS A 198 -7.12 8.59 -5.16
N SER A 199 -6.23 8.93 -6.10
CA SER A 199 -4.85 9.23 -5.75
C SER A 199 -4.34 10.51 -6.38
N PRO A 200 -5.10 11.57 -6.31
CA PRO A 200 -4.55 12.79 -6.90
C PRO A 200 -3.39 13.28 -6.06
N LEU A 201 -2.39 13.81 -6.76
CA LEU A 201 -1.23 14.36 -6.10
C LEU A 201 -1.66 15.72 -5.53
N PHE A 202 -2.20 16.58 -6.41
CA PHE A 202 -2.55 17.96 -6.01
C PHE A 202 -3.97 18.39 -5.76
N ALA A 203 -4.03 19.62 -5.24
CA ALA A 203 -5.23 20.37 -4.81
C ALA A 203 -6.40 20.57 -5.81
N GLY A 204 -6.11 20.74 -7.10
CA GLY A 204 -7.15 20.99 -8.10
C GLY A 204 -8.10 22.10 -7.64
N ASN A 205 -7.84 23.32 -8.11
CA ASN A 205 -8.65 24.47 -7.68
C ASN A 205 -10.16 24.38 -7.90
N GLU A 206 -10.61 23.46 -8.75
CA GLU A 206 -12.03 23.29 -9.03
C GLU A 206 -12.81 22.53 -7.95
N ASP A 207 -14.14 22.72 -7.94
CA ASP A 207 -15.06 22.07 -7.01
C ASP A 207 -14.39 21.45 -5.79
N ALA A 208 -14.31 22.25 -4.73
CA ALA A 208 -13.66 21.80 -3.51
C ALA A 208 -14.59 21.72 -2.31
N SER A 209 -13.98 21.32 -1.20
CA SER A 209 -14.62 21.15 0.10
C SER A 209 -13.66 20.19 0.81
N SER A 210 -13.16 19.22 0.01
CA SER A 210 -12.24 18.23 0.50
C SER A 210 -10.94 18.87 0.91
N ARG A 211 -10.24 19.49 -0.15
CA ARG A 211 -8.97 20.22 0.09
C ARG A 211 -7.89 19.38 0.79
N PHE A 212 -8.34 18.43 1.59
CA PHE A 212 -7.43 17.58 2.31
C PHE A 212 -7.28 16.26 1.58
N SER A 213 -7.99 16.08 0.46
CA SER A 213 -7.95 14.80 -0.26
C SER A 213 -6.98 14.72 -1.45
N ASN A 214 -5.70 14.82 -1.14
CA ASN A 214 -4.63 14.73 -2.11
C ASN A 214 -3.35 14.41 -1.39
N ALA A 215 -2.43 13.76 -2.07
CA ALA A 215 -1.15 13.42 -1.47
C ALA A 215 -0.45 14.62 -0.78
N ASP A 216 -0.46 15.76 -1.47
CA ASP A 216 0.21 16.95 -0.94
C ASP A 216 -0.21 17.32 0.46
N TYR A 217 -1.48 17.54 0.68
CA TYR A 217 -1.91 17.87 2.03
C TYR A 217 -1.31 16.82 2.95
N ALA A 218 -1.79 15.60 2.77
CA ALA A 218 -1.37 14.44 3.51
C ALA A 218 0.10 14.52 3.87
N VAL A 219 0.95 14.68 2.87
CA VAL A 219 2.37 14.76 3.16
C VAL A 219 2.67 15.95 4.08
N SER A 220 2.20 17.09 3.68
CA SER A 220 2.46 18.30 4.44
C SER A 220 2.01 18.20 5.89
N TYR A 221 0.81 17.68 6.10
CA TYR A 221 0.20 17.56 7.45
C TYR A 221 1.04 16.66 8.35
N MET A 222 1.39 15.51 7.79
CA MET A 222 2.19 14.53 8.50
C MET A 222 3.41 15.22 8.98
N LEU A 223 4.05 15.95 8.09
CA LEU A 223 5.26 16.67 8.44
C LEU A 223 4.99 17.59 9.64
N ARG A 224 3.92 18.35 9.53
CA ARG A 224 3.54 19.27 10.54
C ARG A 224 3.35 18.57 11.81
N LEU A 225 2.62 17.48 11.78
CA LEU A 225 2.35 16.72 13.01
C LEU A 225 3.58 16.14 13.76
N GLY A 226 4.78 16.14 13.16
CA GLY A 226 5.93 15.64 13.88
C GLY A 226 6.70 14.46 13.29
N ALA A 227 6.20 13.93 12.17
CA ALA A 227 6.86 12.79 11.52
C ALA A 227 7.93 13.30 10.64
N PRO A 228 9.17 12.89 10.83
CA PRO A 228 10.32 13.28 9.99
C PRO A 228 10.26 12.80 8.51
N ALA A 229 10.79 13.62 7.63
CA ALA A 229 10.75 13.28 6.25
C ALA A 229 11.55 12.02 5.99
N ASN A 230 12.60 11.82 6.77
CA ASN A 230 13.44 10.64 6.57
C ASN A 230 12.83 9.35 7.08
N LYS A 231 11.53 9.35 7.38
CA LYS A 231 10.80 8.17 7.83
C LYS A 231 9.48 8.06 7.11
N LEU A 232 9.18 8.99 6.27
CA LEU A 232 7.95 8.98 5.53
C LEU A 232 8.14 8.31 4.17
N VAL A 233 7.20 7.47 3.78
CA VAL A 233 7.21 6.80 2.49
C VAL A 233 5.87 7.01 1.81
N MET A 234 5.85 7.61 0.66
CA MET A 234 4.61 7.91 0.00
C MET A 234 4.06 6.74 -0.77
N GLY A 235 2.77 6.50 -0.60
CA GLY A 235 2.12 5.38 -1.27
C GLY A 235 1.80 5.57 -2.74
N ILE A 236 2.15 4.58 -3.55
CA ILE A 236 1.87 4.69 -4.98
C ILE A 236 1.04 3.53 -5.53
N PRO A 237 -0.09 3.88 -6.15
CA PRO A 237 -1.04 2.95 -6.75
C PRO A 237 -0.49 2.24 -7.93
N THR A 238 -0.98 1.02 -8.21
CA THR A 238 -0.56 0.15 -9.29
C THR A 238 -1.85 -0.52 -9.74
N PHE A 239 -2.95 0.06 -9.32
CA PHE A 239 -4.29 -0.36 -9.65
C PHE A 239 -5.10 0.90 -9.84
N GLY A 240 -6.27 0.79 -10.42
CA GLY A 240 -7.11 1.95 -10.62
C GLY A 240 -8.48 1.64 -10.07
N ARG A 241 -9.31 2.65 -9.88
CA ARG A 241 -10.62 2.38 -9.39
C ARG A 241 -11.56 2.66 -10.55
N SER A 242 -12.59 1.85 -10.67
CA SER A 242 -13.56 1.97 -11.73
C SER A 242 -14.94 2.31 -11.25
N PHE A 243 -15.71 2.86 -12.16
CA PHE A 243 -17.09 3.26 -11.87
C PHE A 243 -18.01 2.98 -13.05
N THR A 244 -19.28 2.65 -12.76
CA THR A 244 -20.29 2.47 -13.79
C THR A 244 -21.01 3.79 -13.81
N LEU A 245 -20.98 4.47 -14.96
CA LEU A 245 -21.61 5.77 -15.12
C LEU A 245 -23.15 5.65 -15.14
N ALA A 246 -23.84 6.62 -14.58
CA ALA A 246 -25.30 6.61 -14.56
C ALA A 246 -25.88 7.57 -15.65
N SER A 247 -25.00 8.28 -16.32
CA SER A 247 -25.42 9.17 -17.39
C SER A 247 -24.30 9.22 -18.44
N SER A 248 -24.56 9.90 -19.55
CA SER A 248 -23.57 9.99 -20.62
C SER A 248 -22.48 10.99 -20.30
N LYS A 249 -22.59 11.70 -19.20
CA LYS A 249 -21.59 12.69 -18.84
C LYS A 249 -20.30 11.98 -18.47
N THR A 250 -19.16 12.67 -18.69
CA THR A 250 -17.84 12.10 -18.36
C THR A 250 -16.91 13.00 -17.53
N ASP A 251 -17.12 14.31 -17.54
CA ASP A 251 -16.24 15.22 -16.77
C ASP A 251 -16.51 15.17 -15.30
N VAL A 252 -15.71 15.96 -14.58
CA VAL A 252 -15.77 16.09 -13.14
C VAL A 252 -17.20 16.20 -12.61
N GLY A 253 -17.50 15.49 -11.52
CA GLY A 253 -18.83 15.55 -10.95
C GLY A 253 -19.85 14.63 -11.63
N ALA A 254 -19.45 13.99 -12.72
CA ALA A 254 -20.34 13.07 -13.44
C ALA A 254 -21.08 12.11 -12.51
N PRO A 255 -22.39 11.97 -12.71
CA PRO A 255 -23.20 11.06 -11.89
C PRO A 255 -22.73 9.61 -11.96
N VAL A 256 -22.56 8.96 -10.83
CA VAL A 256 -22.10 7.59 -10.84
C VAL A 256 -23.26 6.78 -10.43
N SER A 257 -23.21 5.47 -10.65
CA SER A 257 -24.31 4.57 -10.27
C SER A 257 -23.80 3.42 -9.42
N GLY A 258 -22.49 3.23 -9.39
CA GLY A 258 -21.89 2.15 -8.62
C GLY A 258 -20.52 1.83 -9.20
N PRO A 259 -19.80 0.87 -8.60
CA PRO A 259 -18.46 0.51 -9.06
C PRO A 259 -18.41 0.01 -10.52
N GLY A 260 -17.20 -0.14 -11.02
CA GLY A 260 -17.03 -0.63 -12.35
C GLY A 260 -17.11 -2.16 -12.36
N VAL A 261 -17.47 -2.66 -13.55
CA VAL A 261 -17.57 -4.05 -13.78
C VAL A 261 -16.18 -4.69 -13.56
N PRO A 262 -16.10 -5.79 -12.87
CA PRO A 262 -14.83 -6.49 -12.59
C PRO A 262 -13.94 -6.79 -13.78
N GLY A 263 -12.64 -6.90 -13.51
CA GLY A 263 -11.67 -7.22 -14.54
C GLY A 263 -11.61 -8.75 -14.70
N ARG A 264 -11.21 -9.15 -15.93
CA ARG A 264 -11.12 -10.56 -16.30
C ARG A 264 -10.18 -11.37 -15.40
N PHE A 265 -9.28 -10.70 -14.68
CA PHE A 265 -8.32 -11.39 -13.82
C PHE A 265 -8.44 -11.09 -12.30
N THR A 266 -8.74 -9.87 -11.91
CA THR A 266 -8.81 -9.59 -10.50
C THR A 266 -10.22 -9.91 -10.03
N LYS A 267 -11.19 -9.78 -10.92
CA LYS A 267 -12.57 -10.09 -10.58
C LYS A 267 -13.09 -9.50 -9.26
N GLU A 268 -13.01 -8.20 -9.10
CA GLU A 268 -13.52 -7.54 -7.88
C GLU A 268 -14.12 -6.20 -8.28
N LYS A 269 -15.42 -6.06 -8.12
CA LYS A 269 -16.09 -4.84 -8.51
C LYS A 269 -15.33 -3.64 -8.03
N GLY A 270 -15.19 -2.64 -8.92
CA GLY A 270 -14.50 -1.41 -8.56
C GLY A 270 -12.98 -1.37 -8.61
N ILE A 271 -12.31 -2.44 -8.97
CA ILE A 271 -10.86 -2.37 -9.01
C ILE A 271 -10.39 -2.93 -10.31
N LEU A 272 -9.21 -2.49 -10.73
CA LEU A 272 -8.60 -2.96 -11.93
C LEU A 272 -7.12 -2.97 -11.65
N ALA A 273 -6.43 -3.94 -12.20
CA ALA A 273 -4.98 -4.01 -12.07
C ALA A 273 -4.43 -3.16 -13.22
N TYR A 274 -3.19 -2.71 -13.15
CA TYR A 274 -2.69 -1.85 -14.24
C TYR A 274 -2.68 -2.58 -15.55
N TYR A 275 -2.42 -3.90 -15.48
CA TYR A 275 -2.33 -4.74 -16.67
C TYR A 275 -3.70 -4.98 -17.27
N GLU A 276 -4.75 -4.80 -16.48
CA GLU A 276 -6.10 -4.97 -16.98
C GLU A 276 -6.47 -3.68 -17.64
N ILE A 277 -6.00 -2.60 -17.04
CA ILE A 277 -6.24 -1.26 -17.57
C ILE A 277 -5.54 -1.11 -18.91
N CYS A 278 -4.34 -1.66 -18.99
CA CYS A 278 -3.60 -1.60 -20.22
C CYS A 278 -4.43 -2.16 -21.37
N ASP A 279 -5.21 -3.21 -21.07
CA ASP A 279 -6.07 -3.83 -22.06
C ASP A 279 -7.35 -3.00 -22.24
N PHE A 280 -7.78 -2.37 -21.15
CA PHE A 280 -8.99 -1.53 -21.14
C PHE A 280 -8.79 -0.31 -22.00
N LEU A 281 -7.57 0.22 -21.99
CA LEU A 281 -7.25 1.42 -22.71
C LEU A 281 -7.49 1.35 -24.21
N HIS A 282 -7.50 0.13 -24.76
CA HIS A 282 -7.74 -0.06 -26.21
C HIS A 282 -9.19 0.25 -26.55
N GLY A 283 -9.41 1.39 -27.22
CA GLY A 283 -10.75 1.78 -27.63
C GLY A 283 -11.42 2.70 -26.67
N ALA A 284 -10.66 3.17 -25.67
CA ALA A 284 -11.22 4.11 -24.65
C ALA A 284 -10.76 5.54 -24.87
N THR A 285 -11.37 6.47 -24.16
CA THR A 285 -10.97 7.87 -24.30
C THR A 285 -10.19 8.25 -23.05
N THR A 286 -8.94 8.65 -23.23
CA THR A 286 -8.09 9.01 -22.11
C THR A 286 -8.11 10.50 -21.77
N HIS A 287 -8.15 10.82 -20.50
CA HIS A 287 -8.19 12.20 -20.07
C HIS A 287 -7.22 12.42 -18.92
N ARG A 288 -6.99 13.69 -18.58
CA ARG A 288 -6.08 14.00 -17.48
C ARG A 288 -6.35 15.34 -16.74
N PHE A 289 -6.53 15.22 -15.43
CA PHE A 289 -6.76 16.35 -14.60
C PHE A 289 -5.47 17.09 -14.52
N ARG A 290 -5.39 18.19 -15.23
CA ARG A 290 -4.18 18.98 -15.23
C ARG A 290 -3.74 19.42 -13.82
N ASP A 291 -4.63 20.01 -13.06
CA ASP A 291 -4.24 20.47 -11.74
C ASP A 291 -3.87 19.39 -10.78
N GLN A 292 -4.62 18.31 -10.76
CA GLN A 292 -4.33 17.21 -9.83
C GLN A 292 -3.14 16.36 -10.31
N GLN A 293 -2.99 16.32 -11.63
CA GLN A 293 -1.91 15.60 -12.29
C GLN A 293 -2.06 14.08 -12.37
N VAL A 294 -3.26 13.61 -12.71
CA VAL A 294 -3.51 12.18 -12.82
C VAL A 294 -4.55 11.85 -13.88
N PRO A 295 -4.47 10.70 -14.56
CA PRO A 295 -5.38 10.25 -15.60
C PRO A 295 -6.71 9.72 -15.20
N TYR A 296 -7.45 9.26 -16.20
CA TYR A 296 -8.79 8.71 -15.99
C TYR A 296 -9.21 8.30 -17.39
N ALA A 297 -9.91 7.20 -17.54
CA ALA A 297 -10.30 6.78 -18.86
C ALA A 297 -11.75 6.39 -18.92
N THR A 298 -12.32 6.44 -20.12
CA THR A 298 -13.72 6.05 -20.26
C THR A 298 -13.89 5.21 -21.48
N LYS A 299 -14.89 4.34 -21.40
CA LYS A 299 -15.19 3.44 -22.50
C LYS A 299 -16.59 3.00 -22.23
N GLY A 300 -17.50 3.29 -23.12
CA GLY A 300 -18.89 2.89 -22.86
C GLY A 300 -19.40 3.52 -21.57
N ASN A 301 -19.93 2.72 -20.66
CA ASN A 301 -20.42 3.25 -19.41
C ASN A 301 -19.45 3.04 -18.27
N GLN A 302 -18.18 2.78 -18.58
CA GLN A 302 -17.17 2.54 -17.57
C GLN A 302 -16.19 3.71 -17.43
N TRP A 303 -15.97 4.20 -16.22
CA TRP A 303 -15.07 5.32 -15.97
C TRP A 303 -13.93 4.90 -15.07
N VAL A 304 -12.70 5.10 -15.51
CA VAL A 304 -11.55 4.66 -14.70
C VAL A 304 -10.50 5.70 -14.32
N ALA A 305 -10.16 5.64 -13.05
CA ALA A 305 -9.18 6.53 -12.49
C ALA A 305 -8.02 5.69 -12.26
N TYR A 306 -6.88 6.02 -12.86
CA TYR A 306 -5.69 5.20 -12.69
C TYR A 306 -4.46 5.99 -12.71
N ASP A 307 -3.35 5.31 -12.45
CA ASP A 307 -2.02 5.92 -12.48
C ASP A 307 -1.16 5.36 -13.59
N ASP A 308 -0.56 6.25 -14.35
CA ASP A 308 0.29 5.80 -15.40
C ASP A 308 1.76 6.15 -15.14
N GLN A 309 2.60 5.72 -16.06
CA GLN A 309 4.03 5.97 -15.98
C GLN A 309 4.40 7.38 -15.64
N GLU A 310 3.71 8.32 -16.28
CA GLU A 310 4.02 9.72 -16.05
C GLU A 310 3.52 10.13 -14.69
N SER A 311 2.26 9.90 -14.44
CA SER A 311 1.75 10.26 -13.15
C SER A 311 2.70 9.74 -12.08
N VAL A 312 3.07 8.48 -12.16
CA VAL A 312 3.94 7.88 -11.16
C VAL A 312 5.29 8.55 -11.04
N LYS A 313 5.85 8.93 -12.14
CA LYS A 313 7.13 9.60 -12.12
C LYS A 313 6.91 10.89 -11.44
N ASN A 314 5.77 11.47 -11.74
CA ASN A 314 5.40 12.77 -11.19
C ASN A 314 5.48 12.77 -9.67
N LYS A 315 4.68 11.89 -9.11
CA LYS A 315 4.62 11.72 -7.70
C LYS A 315 5.98 11.40 -7.16
N ALA A 316 6.77 10.64 -7.91
CA ALA A 316 8.10 10.24 -7.45
C ALA A 316 9.04 11.43 -7.33
N ARG A 317 8.92 12.36 -8.25
CA ARG A 317 9.80 13.52 -8.19
C ARG A 317 9.30 14.33 -6.99
N TYR A 318 7.99 14.33 -6.84
CA TYR A 318 7.37 15.08 -5.76
C TYR A 318 8.01 14.71 -4.46
N LEU A 319 7.96 13.44 -4.13
CA LEU A 319 8.48 12.93 -2.87
C LEU A 319 9.95 13.23 -2.71
N LYS A 320 10.64 13.35 -3.83
CA LYS A 320 12.08 13.62 -3.82
C LYS A 320 12.28 15.09 -3.41
N ASN A 321 11.47 15.97 -3.98
CA ASN A 321 11.55 17.40 -3.73
C ASN A 321 11.18 17.78 -2.31
N ARG A 322 10.37 16.97 -1.66
CA ARG A 322 10.00 17.27 -0.29
C ARG A 322 10.96 16.55 0.65
N GLN A 323 11.92 15.84 0.05
CA GLN A 323 12.93 15.11 0.76
C GLN A 323 12.41 14.02 1.65
N LEU A 324 11.54 13.18 1.15
CA LEU A 324 11.02 12.08 1.95
C LEU A 324 11.95 10.92 1.87
N ALA A 325 11.70 9.86 2.62
CA ALA A 325 12.55 8.69 2.65
C ALA A 325 12.39 7.72 1.45
N GLY A 326 11.22 7.72 0.84
CA GLY A 326 11.00 6.86 -0.31
C GLY A 326 9.57 6.72 -0.81
N ALA A 327 9.37 5.73 -1.67
CA ALA A 327 8.09 5.47 -2.24
C ALA A 327 7.55 4.09 -1.83
N MET A 328 6.23 3.96 -1.71
CA MET A 328 5.62 2.69 -1.40
C MET A 328 4.67 2.42 -2.52
N VAL A 329 4.75 1.22 -3.03
CA VAL A 329 3.96 0.74 -4.16
C VAL A 329 3.03 -0.34 -3.74
N TRP A 330 1.74 -0.07 -3.81
CA TRP A 330 0.78 -1.08 -3.39
C TRP A 330 0.46 -1.94 -4.56
N ALA A 331 0.89 -3.23 -4.45
CA ALA A 331 0.63 -4.30 -5.42
C ALA A 331 1.58 -4.58 -6.57
N LEU A 332 2.69 -5.24 -6.27
CA LEU A 332 3.65 -5.61 -7.31
C LEU A 332 2.93 -6.56 -8.24
N ASP A 333 1.94 -7.25 -7.68
CA ASP A 333 1.19 -8.24 -8.39
C ASP A 333 0.06 -7.61 -9.15
N LEU A 334 -0.02 -6.28 -9.12
CA LEU A 334 -1.10 -5.54 -9.84
C LEU A 334 -0.51 -4.74 -11.00
N ASP A 335 0.81 -4.72 -11.01
CA ASP A 335 1.60 -4.04 -12.01
C ASP A 335 1.63 -5.05 -13.07
N ASP A 336 2.06 -4.70 -14.26
CA ASP A 336 2.19 -5.70 -15.33
C ASP A 336 3.52 -6.44 -15.08
N PHE A 337 3.47 -7.41 -14.15
CA PHE A 337 4.63 -8.22 -13.72
C PHE A 337 5.13 -9.23 -14.73
N ARG A 338 4.34 -9.47 -15.78
CA ARG A 338 4.82 -10.38 -16.80
C ARG A 338 5.44 -9.52 -17.88
N GLY A 339 4.94 -8.28 -17.95
CA GLY A 339 5.41 -7.34 -18.96
C GLY A 339 4.81 -7.65 -20.35
N THR A 340 3.68 -8.36 -20.38
CA THR A 340 3.04 -8.68 -21.64
C THR A 340 1.64 -8.09 -21.83
N PHE A 341 1.25 -7.13 -20.99
CA PHE A 341 -0.04 -6.48 -21.16
C PHE A 341 0.08 -5.03 -21.66
N CYS A 342 1.02 -4.26 -21.14
CA CYS A 342 1.07 -2.85 -21.50
C CYS A 342 1.90 -2.40 -22.70
N GLY A 343 2.17 -3.30 -23.64
CA GLY A 343 2.91 -2.87 -24.81
C GLY A 343 4.40 -2.84 -24.69
N GLN A 344 4.99 -1.68 -24.47
CA GLN A 344 6.46 -1.57 -24.44
C GLN A 344 7.11 -2.70 -23.62
N ASN A 345 7.60 -3.72 -24.30
CA ASN A 345 8.17 -4.88 -23.62
C ASN A 345 9.03 -4.54 -22.41
N LEU A 346 8.39 -4.54 -21.25
CA LEU A 346 9.07 -4.22 -20.02
C LEU A 346 8.27 -4.83 -18.90
N THR A 347 8.99 -5.41 -17.92
CA THR A 347 8.39 -6.04 -16.75
C THR A 347 8.23 -5.01 -15.64
N PHE A 348 7.12 -5.04 -14.88
CA PHE A 348 6.94 -4.04 -13.81
C PHE A 348 7.16 -2.56 -14.29
N PRO A 349 6.43 -2.15 -15.29
CA PRO A 349 6.60 -0.80 -15.83
C PRO A 349 6.39 0.34 -14.80
N LEU A 350 5.27 0.29 -14.09
CA LEU A 350 4.96 1.29 -13.11
C LEU A 350 5.98 1.26 -11.98
N THR A 351 6.29 0.11 -11.45
CA THR A 351 7.20 0.09 -10.35
C THR A 351 8.55 0.49 -10.81
N SER A 352 8.87 0.15 -12.04
CA SER A 352 10.18 0.47 -12.58
C SER A 352 10.41 1.96 -12.72
N ALA A 353 9.40 2.65 -13.19
CA ALA A 353 9.45 4.10 -13.35
C ALA A 353 9.76 4.83 -12.03
N VAL A 354 9.19 4.37 -10.94
CA VAL A 354 9.44 5.00 -9.67
C VAL A 354 10.89 4.82 -9.37
N LYS A 355 11.40 3.63 -9.58
CA LYS A 355 12.80 3.36 -9.31
C LYS A 355 13.67 4.28 -10.15
N ASP A 356 13.40 4.37 -11.43
CA ASP A 356 14.19 5.20 -12.28
C ASP A 356 14.30 6.62 -11.77
N VAL A 357 13.21 7.18 -11.30
CA VAL A 357 13.22 8.54 -10.79
C VAL A 357 13.99 8.61 -9.50
N LEU A 358 13.87 7.60 -8.65
CA LEU A 358 14.56 7.59 -7.38
C LEU A 358 16.06 7.39 -7.53
N ALA A 359 16.45 6.84 -8.67
CA ALA A 359 17.86 6.57 -8.95
C ALA A 359 18.50 7.76 -9.64
N GLU A 360 17.65 8.65 -10.14
CA GLU A 360 18.06 9.88 -10.77
C GLU A 360 18.63 10.69 -9.64
N VAL A 361 19.12 11.88 -9.90
CA VAL A 361 19.61 12.66 -8.76
C VAL A 361 18.41 13.03 -7.86
N TRP B 1 -14.85 -5.86 1.99
CA TRP B 1 -15.86 -6.80 1.44
C TRP B 1 -15.21 -8.00 0.63
N HIS B 2 -15.47 -9.28 1.03
CA HIS B 2 -15.08 -10.59 0.39
C HIS B 2 -16.00 -11.65 1.07
N TRP B 3 -16.04 -12.88 0.54
CA TRP B 3 -16.87 -13.95 1.14
C TRP B 3 -16.02 -15.14 1.61
#